data_3I3N
#
_entry.id   3I3N
#
_cell.length_a   41.093
_cell.length_b   68.879
_cell.length_c   136.834
_cell.angle_alpha   90.00
_cell.angle_beta   97.44
_cell.angle_gamma   90.00
#
_symmetry.space_group_name_H-M   'P 1 21 1'
#
loop_
_entity.id
_entity.type
_entity.pdbx_description
1 polymer 'Kelch-like protein 11'
2 non-polymer 'THIOCYANATE ION'
3 non-polymer 'CHLORIDE ION'
4 water water
#
_entity_poly.entity_id   1
_entity_poly.type   'polypeptide(L)'
_entity_poly.pdbx_seq_one_letter_code
;YFQS(MSE)EAEDFECSSHCSELSWRQNEQRRQGLFCDITLCFGGAGGREFRAHRSVLAAATEYFTPLLSGQFSESRSGR
VE(MSE)RKWSSEPGPEPDTVEAVIEY(MSE)YTGRIRVSTGSVHEVLELADRFLLIRLKEFCGEFLKKKLHLSNCVAIH
SLAH(MSE)YTLSQLALKAAD(MSE)IRRNFHKVIQDEEFYTLPFHLIRDWLSDLEITVDSEEVLFETVLKWVQRNAEER
ERYFEELFKLLRLSQ(MSE)KPTYLTRHVKPERLVANNEVCVKLVADAVERHALRAENIQSGT
;
_entity_poly.pdbx_strand_id   A,B
#
loop_
_chem_comp.id
_chem_comp.type
_chem_comp.name
_chem_comp.formula
CL non-polymer 'CHLORIDE ION' 'Cl -1'
SCN non-polymer 'THIOCYANATE ION' 'C N S -1'
#
# COMPACT_ATOMS: atom_id res chain seq x y z
N TYR A 1 -7.72 -33.46 12.66
CA TYR A 1 -8.67 -32.95 11.62
C TYR A 1 -8.82 -31.43 11.75
N PHE A 2 -10.07 -30.96 11.70
CA PHE A 2 -10.38 -29.53 11.80
C PHE A 2 -11.53 -29.26 12.77
N GLN A 3 -12.22 -30.31 13.17
CA GLN A 3 -13.36 -30.21 14.08
C GLN A 3 -13.07 -29.53 15.42
N SER A 4 -11.86 -28.98 15.56
CA SER A 4 -11.44 -28.32 16.80
C SER A 4 -11.00 -26.86 16.60
N MSE A 5 -10.60 -26.56 15.37
CA MSE A 5 -10.11 -25.23 15.01
C MSE A 5 -11.12 -24.09 15.23
O MSE A 5 -12.25 -24.15 14.76
CB MSE A 5 -9.66 -25.26 13.55
CG MSE A 5 -9.22 -23.92 13.02
SE MSE A 5 -10.53 -23.21 11.83
CE MSE A 5 -9.78 -24.05 10.23
N GLU A 6 -10.70 -23.04 15.95
CA GLU A 6 -11.57 -21.90 16.24
C GLU A 6 -11.27 -20.67 15.40
N ALA A 7 -10.13 -20.68 14.71
CA ALA A 7 -9.72 -19.56 13.87
C ALA A 7 -8.64 -19.94 12.85
N GLU A 8 -8.48 -19.10 11.84
CA GLU A 8 -7.47 -19.33 10.82
C GLU A 8 -7.01 -18.00 10.25
N ASP A 9 -5.76 -17.93 9.81
CA ASP A 9 -5.23 -16.70 9.25
C ASP A 9 -5.17 -16.75 7.73
N PHE A 10 -5.58 -15.65 7.10
CA PHE A 10 -5.55 -15.56 5.66
C PHE A 10 -4.64 -14.41 5.27
N GLU A 11 -3.87 -14.62 4.21
CA GLU A 11 -2.98 -13.60 3.72
C GLU A 11 -2.90 -13.71 2.23
N CYS A 12 -3.40 -12.68 1.56
CA CYS A 12 -3.38 -12.61 0.11
C CYS A 12 -2.02 -11.97 -0.22
N SER A 13 -1.04 -12.82 -0.49
CA SER A 13 0.34 -12.43 -0.77
C SER A 13 0.64 -11.37 -1.83
N SER A 14 -0.29 -11.10 -2.74
CA SER A 14 -0.02 -10.10 -3.78
C SER A 14 -0.84 -8.80 -3.58
N HIS A 15 -1.62 -8.77 -2.51
CA HIS A 15 -2.49 -7.65 -2.18
C HIS A 15 -1.89 -6.24 -2.19
N CYS A 16 -0.80 -6.06 -1.45
CA CYS A 16 -0.16 -4.75 -1.36
C CYS A 16 0.42 -4.22 -2.66
N SER A 17 1.18 -5.04 -3.38
CA SER A 17 1.75 -4.56 -4.64
C SER A 17 0.61 -4.16 -5.60
N GLU A 18 -0.50 -4.91 -5.61
CA GLU A 18 -1.66 -4.58 -6.46
C GLU A 18 -2.32 -3.28 -5.96
N LEU A 19 -2.33 -3.12 -4.65
CA LEU A 19 -2.93 -1.96 -4.04
C LEU A 19 -2.15 -0.71 -4.41
N SER A 20 -0.85 -0.75 -4.13
CA SER A 20 -0.02 0.40 -4.42
C SER A 20 -0.01 0.67 -5.93
N TRP A 21 -0.21 -0.37 -6.72
CA TRP A 21 -0.24 -0.21 -8.16
C TRP A 21 -1.48 0.58 -8.58
N ARG A 22 -2.65 0.17 -8.10
CA ARG A 22 -3.89 0.86 -8.44
C ARG A 22 -3.96 2.31 -7.90
N GLN A 23 -3.26 2.59 -6.80
CA GLN A 23 -3.28 3.95 -6.28
C GLN A 23 -2.40 4.78 -7.19
N ASN A 24 -1.49 4.11 -7.90
CA ASN A 24 -0.63 4.82 -8.85
C ASN A 24 -1.46 5.13 -10.08
N GLU A 25 -2.26 4.17 -10.52
CA GLU A 25 -3.14 4.39 -11.67
C GLU A 25 -4.09 5.56 -11.36
N GLN A 26 -4.48 5.70 -10.09
CA GLN A 26 -5.38 6.78 -9.70
C GLN A 26 -4.67 8.11 -9.76
N ARG A 27 -3.45 8.14 -9.23
CA ARG A 27 -2.68 9.36 -9.21
C ARG A 27 -2.62 9.93 -10.61
N ARG A 28 -2.26 9.08 -11.56
CA ARG A 28 -2.11 9.48 -12.95
C ARG A 28 -3.39 10.01 -13.58
N GLN A 29 -4.54 9.62 -13.05
CA GLN A 29 -5.81 10.11 -13.59
C GLN A 29 -6.36 11.25 -12.73
N GLY A 30 -5.64 11.62 -11.69
CA GLY A 30 -6.11 12.68 -10.80
C GLY A 30 -7.29 12.22 -9.95
N LEU A 31 -7.45 10.90 -9.81
CA LEU A 31 -8.54 10.32 -9.03
C LEU A 31 -8.27 10.26 -7.52
N PHE A 32 -9.19 10.83 -6.76
CA PHE A 32 -9.11 10.85 -5.31
C PHE A 32 -7.92 11.63 -4.78
N CYS A 33 -7.23 12.37 -5.64
CA CYS A 33 -6.06 13.12 -5.16
C CYS A 33 -6.52 14.23 -4.24
N ASP A 34 -5.70 14.56 -3.26
CA ASP A 34 -6.07 15.56 -2.28
C ASP A 34 -4.96 16.53 -1.95
N ILE A 35 -3.95 16.56 -2.80
CA ILE A 35 -2.86 17.48 -2.59
C ILE A 35 -2.21 17.73 -3.94
N THR A 36 -1.44 18.80 -4.01
CA THR A 36 -0.77 19.20 -5.24
C THR A 36 0.62 19.74 -5.00
N LEU A 37 1.62 19.09 -5.61
CA LEU A 37 2.99 19.53 -5.47
C LEU A 37 3.30 20.52 -6.59
N CYS A 38 3.93 21.63 -6.22
CA CYS A 38 4.29 22.70 -7.16
C CYS A 38 5.79 23.01 -7.12
N PHE A 39 6.34 23.31 -8.30
CA PHE A 39 7.76 23.65 -8.43
C PHE A 39 7.93 24.89 -9.31
N GLY A 44 5.06 27.20 -12.52
CA GLY A 44 5.55 25.89 -12.93
C GLY A 44 4.42 24.89 -13.13
N ARG A 45 4.80 23.65 -13.47
CA ARG A 45 3.85 22.56 -13.68
C ARG A 45 3.40 21.99 -12.32
N GLU A 46 2.19 21.45 -12.27
CA GLU A 46 1.66 20.88 -11.02
C GLU A 46 1.44 19.36 -11.02
N PHE A 47 1.75 18.75 -9.89
CA PHE A 47 1.61 17.30 -9.68
C PHE A 47 0.59 16.90 -8.61
N ARG A 48 -0.43 16.16 -9.02
CA ARG A 48 -1.46 15.70 -8.09
C ARG A 48 -1.01 14.40 -7.43
N ALA A 49 -1.45 14.20 -6.18
CA ALA A 49 -1.08 13.02 -5.42
C ALA A 49 -1.95 12.87 -4.15
N HIS A 50 -1.85 11.72 -3.50
CA HIS A 50 -2.61 11.46 -2.27
C HIS A 50 -1.72 11.67 -1.07
N ARG A 51 -2.23 12.42 -0.08
CA ARG A 51 -1.48 12.69 1.16
C ARG A 51 -1.15 11.42 1.92
N SER A 52 -2.07 10.47 1.92
CA SER A 52 -1.83 9.24 2.66
C SER A 52 -0.62 8.52 2.12
N VAL A 53 -0.50 8.45 0.79
CA VAL A 53 0.65 7.77 0.18
C VAL A 53 1.91 8.56 0.48
N LEU A 54 1.89 9.86 0.23
CA LEU A 54 3.09 10.65 0.51
C LEU A 54 3.59 10.45 1.93
N ALA A 55 2.72 10.65 2.92
CA ALA A 55 3.15 10.49 4.32
C ALA A 55 3.65 9.09 4.62
N ALA A 56 3.05 8.10 4.00
CA ALA A 56 3.50 6.73 4.22
C ALA A 56 4.87 6.47 3.58
N ALA A 57 5.17 7.15 2.48
CA ALA A 57 6.45 6.93 1.81
C ALA A 57 7.59 7.55 2.62
N THR A 58 7.36 8.75 3.13
CA THR A 58 8.40 9.42 3.90
C THR A 58 7.91 10.36 5.00
N GLU A 59 8.64 10.37 6.11
CA GLU A 59 8.29 11.24 7.22
C GLU A 59 8.41 12.71 6.83
N TYR A 60 8.99 12.99 5.67
CA TYR A 60 9.13 14.37 5.22
C TYR A 60 7.78 15.04 5.03
N PHE A 61 6.78 14.23 4.70
CA PHE A 61 5.45 14.76 4.46
C PHE A 61 4.49 14.67 5.66
N THR A 62 4.87 13.91 6.68
CA THR A 62 4.03 13.78 7.88
C THR A 62 3.74 15.16 8.48
N PRO A 63 4.78 16.02 8.63
CA PRO A 63 4.60 17.36 9.19
C PRO A 63 3.74 18.33 8.39
N LEU A 64 2.97 17.83 7.43
CA LEU A 64 2.09 18.71 6.67
C LEU A 64 0.65 18.51 7.13
N LEU A 65 0.54 17.90 8.31
CA LEU A 65 -0.74 17.63 8.96
C LEU A 65 -1.18 18.86 9.74
N SER A 74 -7.83 20.41 -0.39
CA SER A 74 -7.17 19.86 -1.59
C SER A 74 -5.98 20.74 -1.87
N GLY A 75 -5.41 21.31 -0.80
CA GLY A 75 -4.38 22.30 -0.87
C GLY A 75 -3.01 22.18 -1.48
N ARG A 76 -2.59 23.21 -2.20
CA ARG A 76 -1.29 23.16 -2.82
C ARG A 76 -0.09 23.40 -1.93
N VAL A 77 0.96 22.60 -2.13
CA VAL A 77 2.20 22.82 -1.40
C VAL A 77 3.24 23.27 -2.46
N GLU A 78 3.98 24.33 -2.15
CA GLU A 78 4.98 24.86 -3.07
C GLU A 78 6.36 24.42 -2.59
N MSE A 79 7.15 23.94 -3.54
CA MSE A 79 8.49 23.44 -3.24
C MSE A 79 9.55 24.53 -3.30
O MSE A 79 9.65 25.28 -4.27
CB MSE A 79 8.82 22.30 -4.20
CG MSE A 79 7.81 21.13 -4.14
SE MSE A 79 8.07 19.90 -2.65
CE MSE A 79 7.36 20.98 -1.25
N ARG A 80 10.34 24.61 -2.23
CA ARG A 80 11.42 25.58 -2.13
C ARG A 80 12.31 25.45 -3.35
N LYS A 81 12.89 26.56 -3.77
CA LYS A 81 13.78 26.57 -4.93
C LYS A 81 14.85 25.49 -4.74
N TRP A 82 15.40 24.99 -5.84
CA TRP A 82 16.41 23.95 -5.80
C TRP A 82 17.79 24.44 -6.20
N SER A 83 18.66 23.49 -6.60
CA SER A 83 20.00 23.83 -7.04
C SER A 83 19.89 24.63 -8.33
N SER A 84 19.26 24.04 -9.33
CA SER A 84 19.06 24.69 -10.62
C SER A 84 17.76 25.50 -10.53
N GLU A 85 17.83 26.76 -10.93
CA GLU A 85 16.67 27.65 -10.89
C GLU A 85 15.40 27.01 -11.45
N PRO A 86 15.43 26.55 -12.72
CA PRO A 86 14.26 25.93 -13.34
C PRO A 86 13.68 24.78 -12.51
N GLY A 87 14.53 24.18 -11.67
CA GLY A 87 14.10 23.06 -10.85
C GLY A 87 14.34 21.74 -11.57
N PRO A 88 14.11 20.60 -10.90
CA PRO A 88 14.32 19.32 -11.56
C PRO A 88 13.46 19.15 -12.80
N GLU A 89 13.87 18.22 -13.66
CA GLU A 89 13.16 17.91 -14.90
C GLU A 89 11.85 17.19 -14.63
N PRO A 90 10.75 17.65 -15.24
CA PRO A 90 9.42 17.07 -15.08
C PRO A 90 9.36 15.54 -15.10
N ASP A 91 10.06 14.92 -16.04
CA ASP A 91 10.05 13.47 -16.10
C ASP A 91 10.75 12.85 -14.90
N THR A 92 11.68 13.59 -14.32
CA THR A 92 12.40 13.09 -13.17
C THR A 92 11.55 13.18 -11.89
N VAL A 93 10.82 14.27 -11.75
CA VAL A 93 9.96 14.45 -10.60
C VAL A 93 8.90 13.35 -10.64
N GLU A 94 8.22 13.21 -11.76
CA GLU A 94 7.23 12.16 -11.90
C GLU A 94 7.78 10.79 -11.53
N ALA A 95 9.05 10.53 -11.86
CA ALA A 95 9.63 9.22 -11.56
C ALA A 95 9.88 8.99 -10.09
N VAL A 96 10.17 10.07 -9.36
CA VAL A 96 10.44 9.99 -7.94
C VAL A 96 9.10 9.92 -7.24
N ILE A 97 8.12 10.59 -7.82
CA ILE A 97 6.81 10.53 -7.24
C ILE A 97 6.31 9.11 -7.40
N GLU A 98 6.43 8.57 -8.59
CA GLU A 98 5.96 7.21 -8.78
C GLU A 98 6.74 6.23 -7.91
N TYR A 99 8.00 6.55 -7.62
CA TYR A 99 8.79 5.69 -6.76
C TYR A 99 8.12 5.60 -5.38
N MSE A 100 7.66 6.75 -4.88
CA MSE A 100 7.04 6.80 -3.56
C MSE A 100 5.85 5.83 -3.51
O MSE A 100 5.69 5.09 -2.55
CB MSE A 100 6.64 8.25 -3.19
CG MSE A 100 7.87 9.13 -2.82
SE MSE A 100 7.48 10.84 -2.04
CE MSE A 100 6.90 11.83 -3.52
N TYR A 101 5.06 5.79 -4.59
CA TYR A 101 3.93 4.88 -4.69
C TYR A 101 4.28 3.42 -4.97
N THR A 102 5.40 3.15 -5.63
CA THR A 102 5.66 1.75 -6.00
C THR A 102 6.99 1.17 -5.60
N GLY A 103 7.89 1.98 -5.07
CA GLY A 103 9.18 1.42 -4.74
C GLY A 103 10.03 1.02 -5.97
N ARG A 104 9.66 1.41 -7.19
CA ARG A 104 10.45 1.08 -8.41
C ARG A 104 10.85 2.34 -9.18
N ILE A 105 12.11 2.42 -9.60
CA ILE A 105 12.53 3.60 -10.34
C ILE A 105 13.75 3.32 -11.24
N ARG A 106 13.82 3.98 -12.39
CA ARG A 106 14.96 3.77 -13.28
C ARG A 106 15.85 4.99 -13.21
N VAL A 107 17.08 4.78 -12.77
CA VAL A 107 18.03 5.88 -12.65
C VAL A 107 19.09 5.79 -13.75
N SER A 108 19.41 6.92 -14.35
CA SER A 108 20.42 6.95 -15.41
C SER A 108 21.44 8.05 -15.13
N THR A 109 22.54 8.03 -15.87
CA THR A 109 23.62 9.00 -15.71
C THR A 109 23.12 10.42 -15.95
N GLY A 110 22.08 10.52 -16.76
CA GLY A 110 21.52 11.82 -17.06
C GLY A 110 20.61 12.40 -16.02
N SER A 111 19.94 11.55 -15.24
CA SER A 111 18.99 12.02 -14.22
C SER A 111 19.46 11.83 -12.80
N VAL A 112 20.44 10.94 -12.61
CA VAL A 112 20.90 10.63 -11.28
C VAL A 112 21.11 11.80 -10.32
N HIS A 113 21.66 12.91 -10.79
CA HIS A 113 21.90 14.05 -9.90
C HIS A 113 20.60 14.67 -9.39
N GLU A 114 19.62 14.83 -10.27
CA GLU A 114 18.35 15.40 -9.84
C GLU A 114 17.55 14.42 -8.96
N VAL A 115 17.70 13.12 -9.23
CA VAL A 115 17.02 12.11 -8.43
C VAL A 115 17.61 12.19 -7.02
N LEU A 116 18.92 12.36 -6.96
CA LEU A 116 19.62 12.47 -5.69
C LEU A 116 19.12 13.66 -4.89
N GLU A 117 19.02 14.81 -5.54
CA GLU A 117 18.54 15.99 -4.86
C GLU A 117 17.12 15.83 -4.33
N LEU A 118 16.22 15.25 -5.14
CA LEU A 118 14.84 15.04 -4.72
C LEU A 118 14.79 14.03 -3.59
N ALA A 119 15.56 12.95 -3.73
CA ALA A 119 15.61 11.92 -2.70
C ALA A 119 16.09 12.47 -1.37
N ASP A 120 17.08 13.37 -1.44
CA ASP A 120 17.66 13.98 -0.25
C ASP A 120 16.66 14.94 0.39
N ARG A 121 15.98 15.70 -0.46
CA ARG A 121 15.00 16.65 0.01
C ARG A 121 13.80 15.97 0.67
N PHE A 122 13.42 14.78 0.20
CA PHE A 122 12.26 14.08 0.76
C PHE A 122 12.63 12.95 1.73
N LEU A 123 13.88 12.89 2.11
CA LEU A 123 14.32 11.89 3.07
C LEU A 123 14.06 10.46 2.61
N LEU A 124 14.17 10.22 1.32
CA LEU A 124 14.00 8.88 0.80
C LEU A 124 15.35 8.20 0.95
N ILE A 125 15.63 7.75 2.16
CA ILE A 125 16.90 7.11 2.46
C ILE A 125 17.33 6.00 1.51
N ARG A 126 16.44 5.05 1.26
CA ARG A 126 16.80 3.93 0.38
C ARG A 126 17.12 4.37 -1.05
N LEU A 127 16.36 5.35 -1.55
CA LEU A 127 16.58 5.85 -2.88
C LEU A 127 17.94 6.57 -2.88
N LYS A 128 18.13 7.42 -1.88
CA LYS A 128 19.39 8.15 -1.77
C LYS A 128 20.58 7.19 -1.71
N GLU A 129 20.46 6.12 -0.93
CA GLU A 129 21.54 5.14 -0.82
C GLU A 129 21.79 4.44 -2.15
N PHE A 130 20.73 4.26 -2.94
CA PHE A 130 20.88 3.60 -4.23
C PHE A 130 21.67 4.50 -5.19
N CYS A 131 21.27 5.76 -5.29
CA CYS A 131 21.97 6.70 -6.13
C CYS A 131 23.45 6.65 -5.75
N GLY A 132 23.73 6.43 -4.47
CA GLY A 132 25.10 6.37 -4.00
C GLY A 132 25.91 5.21 -4.55
N GLU A 133 25.27 4.07 -4.75
CA GLU A 133 25.95 2.91 -5.29
C GLU A 133 26.09 3.09 -6.79
N PHE A 134 25.05 3.66 -7.40
CA PHE A 134 25.07 3.88 -8.82
C PHE A 134 26.28 4.72 -9.18
N LEU A 135 26.42 5.85 -8.50
CA LEU A 135 27.53 6.78 -8.73
C LEU A 135 28.87 6.13 -8.41
N LYS A 136 28.88 5.36 -7.32
CA LYS A 136 30.08 4.69 -6.87
C LYS A 136 30.65 3.73 -7.93
N LYS A 137 29.77 3.15 -8.73
CA LYS A 137 30.17 2.20 -9.77
C LYS A 137 30.52 2.92 -11.06
N LYS A 138 30.10 4.17 -11.19
CA LYS A 138 30.35 4.96 -12.38
C LYS A 138 31.53 5.92 -12.16
N LEU A 139 32.05 5.93 -10.94
CA LEU A 139 33.16 6.82 -10.58
C LEU A 139 34.29 6.69 -11.59
N HIS A 140 34.72 7.82 -12.13
CA HIS A 140 35.78 7.82 -13.13
C HIS A 140 36.53 9.16 -13.19
N LEU A 141 37.84 9.09 -13.39
CA LEU A 141 38.69 10.27 -13.47
C LEU A 141 38.06 11.46 -14.20
N SER A 142 37.14 11.18 -15.11
CA SER A 142 36.50 12.25 -15.86
C SER A 142 35.29 12.90 -15.17
N ASN A 143 34.87 12.34 -14.03
CA ASN A 143 33.73 12.91 -13.32
C ASN A 143 33.91 12.91 -11.81
N CYS A 144 35.06 12.44 -11.33
CA CYS A 144 35.30 12.39 -9.90
C CYS A 144 35.10 13.73 -9.21
N VAL A 145 35.39 14.84 -9.90
CA VAL A 145 35.21 16.15 -9.29
C VAL A 145 33.73 16.48 -9.14
N ALA A 146 32.98 16.37 -10.24
CA ALA A 146 31.55 16.65 -10.18
C ALA A 146 30.89 15.72 -9.16
N ILE A 147 31.33 14.46 -9.13
CA ILE A 147 30.78 13.48 -8.22
C ILE A 147 31.15 13.78 -6.78
N HIS A 148 32.41 14.11 -6.52
CA HIS A 148 32.85 14.42 -5.17
C HIS A 148 32.02 15.57 -4.61
N SER A 149 31.72 16.53 -5.48
CA SER A 149 30.94 17.70 -5.13
C SER A 149 29.56 17.26 -4.63
N LEU A 150 28.92 16.35 -5.36
CA LEU A 150 27.59 15.87 -4.97
C LEU A 150 27.66 15.06 -3.69
N ALA A 151 28.58 14.09 -3.64
CA ALA A 151 28.70 13.25 -2.48
C ALA A 151 28.83 14.10 -1.22
N HIS A 152 29.43 15.27 -1.38
CA HIS A 152 29.64 16.21 -0.28
C HIS A 152 28.38 17.01 0.00
N MSE A 153 27.83 17.60 -1.05
CA MSE A 153 26.62 18.40 -0.92
C MSE A 153 25.45 17.61 -0.33
O MSE A 153 24.52 18.20 0.20
CB MSE A 153 26.21 18.96 -2.28
CG MSE A 153 25.01 19.86 -2.21
SE MSE A 153 24.45 20.49 -3.93
CE MSE A 153 26.06 20.17 -4.98
N TYR A 154 25.49 16.28 -0.43
CA TYR A 154 24.41 15.45 0.08
C TYR A 154 24.86 14.36 1.04
N THR A 155 25.99 14.58 1.69
CA THR A 155 26.52 13.64 2.68
C THR A 155 26.52 12.17 2.26
N LEU A 156 27.37 11.80 1.33
CA LEU A 156 27.48 10.43 0.89
C LEU A 156 28.87 9.96 1.27
N SER A 157 29.10 9.96 2.59
CA SER A 157 30.37 9.55 3.19
C SER A 157 31.19 8.58 2.36
N GLN A 158 30.61 7.43 2.05
CA GLN A 158 31.31 6.40 1.28
C GLN A 158 31.77 6.90 -0.08
N LEU A 159 30.82 7.40 -0.84
CA LEU A 159 31.09 7.94 -2.16
C LEU A 159 32.12 9.05 -2.07
N ALA A 160 31.97 9.92 -1.08
CA ALA A 160 32.88 11.04 -0.88
C ALA A 160 34.33 10.60 -0.80
N LEU A 161 34.61 9.63 0.06
CA LEU A 161 35.97 9.13 0.23
C LEU A 161 36.54 8.58 -1.07
N LYS A 162 35.77 7.72 -1.71
CA LYS A 162 36.21 7.11 -2.96
C LYS A 162 36.56 8.18 -3.99
N ALA A 163 35.65 9.14 -4.18
CA ALA A 163 35.91 10.22 -5.12
C ALA A 163 37.09 11.09 -4.66
N ALA A 164 37.25 11.24 -3.35
CA ALA A 164 38.35 12.03 -2.83
C ALA A 164 39.68 11.37 -3.13
N ASP A 165 39.76 10.05 -2.98
CA ASP A 165 40.99 9.32 -3.26
C ASP A 165 41.39 9.43 -4.71
N MSE A 166 40.40 9.33 -5.60
CA MSE A 166 40.67 9.43 -7.01
C MSE A 166 41.16 10.85 -7.35
O MSE A 166 41.99 11.03 -8.23
CB MSE A 166 39.43 9.08 -7.83
CG MSE A 166 39.69 8.94 -9.31
SE MSE A 166 38.14 8.41 -10.30
CE MSE A 166 38.19 6.56 -9.82
N ILE A 167 40.67 11.84 -6.63
CA ILE A 167 41.11 13.21 -6.90
C ILE A 167 42.52 13.45 -6.37
N ARG A 168 42.84 12.88 -5.23
CA ARG A 168 44.17 13.04 -4.66
C ARG A 168 45.22 12.47 -5.57
N ARG A 169 45.08 11.20 -5.89
CA ARG A 169 46.01 10.50 -6.76
C ARG A 169 46.21 11.16 -8.11
N ASN A 170 45.22 11.90 -8.58
CA ASN A 170 45.34 12.55 -9.87
C ASN A 170 45.19 14.05 -9.79
N PHE A 171 45.49 14.63 -8.62
CA PHE A 171 45.35 16.05 -8.46
C PHE A 171 46.06 16.83 -9.56
N HIS A 172 47.26 16.38 -9.93
CA HIS A 172 48.01 17.04 -11.01
C HIS A 172 47.20 17.13 -12.29
N LYS A 173 46.40 16.10 -12.57
CA LYS A 173 45.57 16.08 -13.77
C LYS A 173 44.29 16.90 -13.62
N VAL A 174 43.63 16.82 -12.46
CA VAL A 174 42.38 17.56 -12.27
C VAL A 174 42.58 19.08 -12.32
N ILE A 175 43.77 19.53 -11.91
CA ILE A 175 44.10 20.96 -11.92
C ILE A 175 44.10 21.54 -13.33
N GLN A 176 44.38 20.69 -14.31
CA GLN A 176 44.44 21.12 -15.70
C GLN A 176 43.08 21.24 -16.37
N ASP A 177 42.12 20.45 -15.91
CA ASP A 177 40.79 20.51 -16.50
C ASP A 177 40.13 21.79 -16.00
N GLU A 178 39.04 22.20 -16.64
CA GLU A 178 38.39 23.43 -16.24
C GLU A 178 37.32 23.27 -15.15
N GLU A 179 36.75 22.08 -15.06
CA GLU A 179 35.72 21.80 -14.06
C GLU A 179 36.20 22.26 -12.69
N PHE A 180 37.39 21.84 -12.32
CA PHE A 180 37.99 22.17 -11.04
C PHE A 180 37.83 23.63 -10.63
N TYR A 181 37.97 24.54 -11.58
CA TYR A 181 37.90 25.96 -11.28
C TYR A 181 36.51 26.54 -11.05
N THR A 182 35.52 25.67 -10.96
CA THR A 182 34.15 26.12 -10.73
C THR A 182 33.73 25.83 -9.30
N LEU A 183 34.59 25.12 -8.57
CA LEU A 183 34.30 24.76 -7.19
C LEU A 183 34.17 25.96 -6.28
N PRO A 184 33.51 25.79 -5.13
CA PRO A 184 33.34 26.89 -4.18
C PRO A 184 34.58 26.96 -3.26
N PHE A 185 34.81 28.14 -2.70
CA PHE A 185 35.95 28.39 -1.81
C PHE A 185 36.27 27.32 -0.77
N HIS A 186 35.28 26.91 0.02
CA HIS A 186 35.53 25.92 1.07
C HIS A 186 36.10 24.58 0.60
N LEU A 187 35.86 24.23 -0.65
CA LEU A 187 36.40 23.00 -1.19
C LEU A 187 37.83 23.24 -1.67
N ILE A 188 38.04 24.36 -2.36
CA ILE A 188 39.38 24.74 -2.82
C ILE A 188 40.29 24.82 -1.59
N ARG A 189 39.78 25.42 -0.53
CA ARG A 189 40.54 25.55 0.70
C ARG A 189 40.90 24.18 1.26
N ASP A 190 39.90 23.30 1.36
CA ASP A 190 40.14 21.95 1.87
C ASP A 190 41.19 21.21 1.07
N TRP A 191 41.19 21.42 -0.25
CA TRP A 191 42.15 20.76 -1.14
C TRP A 191 43.57 21.26 -0.96
N LEU A 192 43.74 22.58 -0.78
CA LEU A 192 45.07 23.14 -0.58
C LEU A 192 45.59 22.75 0.80
N SER A 193 44.69 22.28 1.65
CA SER A 193 45.02 21.85 2.99
C SER A 193 45.38 20.37 2.98
N ASP A 194 45.10 19.71 1.86
CA ASP A 194 45.36 18.28 1.73
C ASP A 194 46.84 17.97 1.52
N LEU A 195 47.38 17.13 2.40
CA LEU A 195 48.78 16.74 2.37
C LEU A 195 49.07 15.65 1.34
N GLU A 196 48.04 14.84 1.08
CA GLU A 196 48.12 13.70 0.18
C GLU A 196 48.08 13.99 -1.32
N ILE A 197 47.47 15.11 -1.72
CA ILE A 197 47.39 15.42 -3.15
C ILE A 197 48.74 15.19 -3.82
N THR A 198 48.71 14.61 -5.01
CA THR A 198 49.95 14.33 -5.71
C THR A 198 50.20 15.35 -6.81
N VAL A 199 51.20 16.19 -6.59
CA VAL A 199 51.59 17.22 -7.54
C VAL A 199 53.10 17.23 -7.70
N ASP A 200 53.56 17.74 -8.84
CA ASP A 200 54.99 17.81 -9.12
C ASP A 200 55.68 18.85 -8.26
N SER A 201 55.04 20.00 -8.06
CA SER A 201 55.65 21.06 -7.26
C SER A 201 54.62 21.94 -6.58
N GLU A 202 54.99 22.55 -5.46
CA GLU A 202 54.09 23.46 -4.78
C GLU A 202 53.85 24.67 -5.66
N GLU A 203 54.77 24.91 -6.59
CA GLU A 203 54.64 26.05 -7.50
C GLU A 203 53.32 26.01 -8.24
N VAL A 204 52.93 24.81 -8.68
CA VAL A 204 51.68 24.64 -9.41
C VAL A 204 50.49 25.12 -8.57
N LEU A 205 50.48 24.78 -7.28
CA LEU A 205 49.41 25.18 -6.38
C LEU A 205 49.23 26.70 -6.38
N PHE A 206 50.32 27.44 -6.52
CA PHE A 206 50.23 28.90 -6.56
C PHE A 206 49.54 29.31 -7.86
N GLU A 207 49.96 28.69 -8.96
CA GLU A 207 49.38 28.97 -10.27
C GLU A 207 47.90 28.63 -10.26
N THR A 208 47.55 27.60 -9.50
CA THR A 208 46.16 27.16 -9.39
C THR A 208 45.31 28.18 -8.63
N VAL A 209 45.85 28.71 -7.54
CA VAL A 209 45.11 29.70 -6.76
C VAL A 209 44.85 30.93 -7.64
N LEU A 210 45.85 31.39 -8.36
CA LEU A 210 45.67 32.55 -9.23
C LEU A 210 44.51 32.34 -10.19
N LYS A 211 44.51 31.19 -10.87
CA LYS A 211 43.46 30.88 -11.83
C LYS A 211 42.08 30.85 -11.19
N TRP A 212 41.97 30.23 -10.02
CA TRP A 212 40.67 30.18 -9.35
C TRP A 212 40.16 31.58 -9.07
N VAL A 213 41.03 32.47 -8.62
CA VAL A 213 40.64 33.84 -8.33
C VAL A 213 40.33 34.61 -9.61
N GLN A 214 41.21 34.47 -10.61
CA GLN A 214 41.04 35.15 -11.88
C GLN A 214 39.78 34.71 -12.63
N ARG A 215 39.20 33.59 -12.23
CA ARG A 215 38.00 33.07 -12.85
C ARG A 215 36.83 34.04 -12.60
N ASN A 216 36.81 34.65 -11.42
CA ASN A 216 35.76 35.60 -11.02
C ASN A 216 36.37 36.59 -10.02
N ALA A 217 37.20 37.50 -10.53
CA ALA A 217 37.85 38.50 -9.70
C ALA A 217 36.93 39.06 -8.62
N GLU A 218 35.73 39.45 -9.03
CA GLU A 218 34.74 40.05 -8.14
C GLU A 218 34.57 39.39 -6.77
N GLU A 219 33.95 38.22 -6.75
CA GLU A 219 33.70 37.55 -5.48
C GLU A 219 34.85 36.66 -5.00
N ARG A 220 35.95 36.61 -5.74
CA ARG A 220 37.04 35.73 -5.32
C ARG A 220 38.29 36.40 -4.74
N GLU A 221 38.68 37.55 -5.27
CA GLU A 221 39.87 38.25 -4.78
C GLU A 221 39.91 38.41 -3.26
N ARG A 222 38.75 38.31 -2.63
CA ARG A 222 38.64 38.46 -1.18
C ARG A 222 39.05 37.22 -0.40
N TYR A 223 39.33 36.13 -1.12
CA TYR A 223 39.73 34.88 -0.48
C TYR A 223 41.20 34.58 -0.64
N PHE A 224 41.82 35.28 -1.60
CA PHE A 224 43.22 35.10 -1.91
C PHE A 224 44.14 34.95 -0.71
N GLU A 225 44.08 35.91 0.21
CA GLU A 225 44.94 35.86 1.38
C GLU A 225 44.81 34.59 2.20
N GLU A 226 43.59 34.14 2.45
CA GLU A 226 43.42 32.92 3.24
C GLU A 226 43.95 31.70 2.47
N LEU A 227 43.84 31.74 1.15
CA LEU A 227 44.33 30.65 0.31
C LEU A 227 45.85 30.69 0.24
N PHE A 228 46.39 31.88 0.04
CA PHE A 228 47.83 32.08 -0.06
C PHE A 228 48.55 31.53 1.16
N LYS A 229 47.99 31.78 2.34
CA LYS A 229 48.58 31.30 3.59
C LYS A 229 48.66 29.78 3.65
N LEU A 230 47.93 29.10 2.78
CA LEU A 230 47.94 27.63 2.77
C LEU A 230 49.08 27.04 1.97
N LEU A 231 49.68 27.87 1.12
CA LEU A 231 50.79 27.40 0.31
C LEU A 231 52.04 27.28 1.15
N ARG A 232 52.92 26.34 0.81
CA ARG A 232 54.15 26.18 1.56
C ARG A 232 55.27 26.79 0.73
N LEU A 233 55.46 28.08 0.93
CA LEU A 233 56.46 28.86 0.24
C LEU A 233 57.87 28.30 0.44
N SER A 234 58.14 27.84 1.66
CA SER A 234 59.44 27.28 1.98
C SER A 234 59.78 26.11 1.05
N GLN A 235 58.79 25.63 0.30
CA GLN A 235 59.02 24.52 -0.60
C GLN A 235 59.16 24.92 -2.05
N MSE A 236 59.07 26.23 -2.32
CA MSE A 236 59.20 26.73 -3.69
C MSE A 236 60.62 27.25 -3.95
O MSE A 236 61.29 27.75 -3.04
CB MSE A 236 58.20 27.86 -3.93
CG MSE A 236 56.74 27.47 -3.87
SE MSE A 236 55.63 29.05 -4.20
CE MSE A 236 55.18 28.63 -5.97
N LYS A 237 61.08 27.15 -5.20
CA LYS A 237 62.42 27.64 -5.55
C LYS A 237 62.52 29.15 -5.37
N PRO A 238 63.61 29.62 -4.74
CA PRO A 238 63.84 31.05 -4.52
C PRO A 238 63.65 31.88 -5.78
N THR A 239 64.00 31.26 -6.91
CA THR A 239 63.87 31.89 -8.22
C THR A 239 62.43 32.30 -8.45
N TYR A 240 61.55 31.29 -8.39
CA TYR A 240 60.13 31.46 -8.58
C TYR A 240 59.54 32.44 -7.58
N LEU A 241 59.93 32.30 -6.31
CA LEU A 241 59.42 33.17 -5.26
C LEU A 241 59.61 34.65 -5.54
N THR A 242 60.82 35.02 -5.94
CA THR A 242 61.10 36.42 -6.22
C THR A 242 60.75 36.85 -7.64
N ARG A 243 60.82 35.91 -8.58
CA ARG A 243 60.55 36.21 -9.98
C ARG A 243 59.08 36.13 -10.41
N HIS A 244 58.30 35.26 -9.77
CA HIS A 244 56.90 35.09 -10.14
C HIS A 244 55.89 35.33 -9.01
N VAL A 245 56.20 34.87 -7.81
CA VAL A 245 55.30 35.04 -6.69
C VAL A 245 55.19 36.49 -6.22
N LYS A 246 56.29 37.06 -5.75
CA LYS A 246 56.33 38.44 -5.24
C LYS A 246 55.85 39.54 -6.22
N PRO A 247 56.21 39.43 -7.50
CA PRO A 247 55.82 40.42 -8.53
C PRO A 247 54.31 40.43 -8.82
N GLU A 248 53.63 39.32 -8.56
CA GLU A 248 52.19 39.21 -8.81
C GLU A 248 51.38 40.23 -8.01
N ARG A 249 50.47 40.90 -8.72
CA ARG A 249 49.62 41.92 -8.11
C ARG A 249 48.97 41.55 -6.79
N LEU A 250 48.22 40.45 -6.76
CA LEU A 250 47.56 40.03 -5.53
C LEU A 250 48.50 39.89 -4.33
N VAL A 251 49.75 39.54 -4.60
CA VAL A 251 50.75 39.39 -3.53
C VAL A 251 51.29 40.75 -3.09
N ALA A 252 51.69 41.55 -4.07
CA ALA A 252 52.24 42.89 -3.83
C ALA A 252 51.31 43.85 -3.08
N ASN A 253 50.02 43.87 -3.44
CA ASN A 253 49.07 44.76 -2.79
C ASN A 253 48.73 44.36 -1.36
N ASN A 254 49.02 43.12 -1.01
CA ASN A 254 48.75 42.66 0.34
C ASN A 254 50.05 42.54 1.12
N GLU A 255 50.20 43.36 2.15
CA GLU A 255 51.39 43.37 2.98
C GLU A 255 51.60 42.07 3.75
N VAL A 256 50.52 41.44 4.19
CA VAL A 256 50.62 40.18 4.93
C VAL A 256 51.23 39.12 4.03
N CYS A 257 50.97 39.26 2.73
CA CYS A 257 51.49 38.32 1.76
C CYS A 257 52.93 38.59 1.38
N VAL A 258 53.26 39.85 1.10
CA VAL A 258 54.63 40.20 0.74
C VAL A 258 55.53 39.84 1.91
N LYS A 259 55.01 40.04 3.11
CA LYS A 259 55.73 39.72 4.35
C LYS A 259 56.07 38.22 4.33
N LEU A 260 55.05 37.40 4.07
CA LEU A 260 55.23 35.95 4.02
C LEU A 260 56.27 35.52 2.97
N VAL A 261 56.27 36.17 1.81
CA VAL A 261 57.25 35.82 0.77
C VAL A 261 58.65 36.14 1.29
N ALA A 262 58.78 37.32 1.90
CA ALA A 262 60.07 37.76 2.44
C ALA A 262 60.62 36.76 3.44
N ASP A 263 59.80 36.36 4.41
CA ASP A 263 60.21 35.40 5.42
C ASP A 263 60.65 34.11 4.77
N ALA A 264 59.91 33.70 3.75
CA ALA A 264 60.23 32.46 3.05
C ALA A 264 61.60 32.58 2.40
N VAL A 265 61.82 33.68 1.69
CA VAL A 265 63.10 33.91 1.02
C VAL A 265 64.23 33.92 2.07
N GLU A 266 63.93 34.48 3.23
CA GLU A 266 64.89 34.54 4.33
C GLU A 266 65.20 33.13 4.82
N ARG A 267 64.15 32.31 4.96
CA ARG A 267 64.31 30.93 5.42
C ARG A 267 65.23 30.18 4.46
N HIS A 268 64.99 30.35 3.17
CA HIS A 268 65.80 29.69 2.16
C HIS A 268 67.29 29.95 2.35
N ALA A 269 67.64 31.20 2.60
CA ALA A 269 69.04 31.57 2.81
C ALA A 269 69.59 30.98 4.11
N LEU A 270 68.75 30.97 5.15
CA LEU A 270 69.15 30.41 6.44
C LEU A 270 69.38 28.90 6.32
N ARG A 271 68.47 28.22 5.63
CA ARG A 271 68.60 26.78 5.43
C ARG A 271 69.68 26.57 4.38
N ALA A 272 70.28 27.63 3.85
CA ALA A 272 71.29 27.37 2.82
C ALA A 272 72.71 27.18 3.31
N GLU A 273 73.03 27.51 4.54
CA GLU A 273 74.45 27.33 4.88
C GLU A 273 74.72 25.95 5.40
N ASN A 274 73.61 25.23 5.56
CA ASN A 274 73.54 23.84 6.00
C ASN A 274 73.14 23.60 7.47
N SER B 4 29.61 3.56 -21.11
CA SER B 4 29.53 4.58 -20.03
C SER B 4 28.09 5.11 -19.86
N MSE B 5 27.22 4.70 -20.78
CA MSE B 5 25.81 5.08 -20.72
C MSE B 5 25.11 3.92 -20.03
O MSE B 5 25.39 2.74 -20.31
CB MSE B 5 25.20 5.25 -22.11
CG MSE B 5 24.67 6.64 -22.40
SE MSE B 5 23.43 6.67 -23.87
CE MSE B 5 21.81 6.64 -22.84
N GLU B 6 24.20 4.22 -19.13
CA GLU B 6 23.53 3.15 -18.43
C GLU B 6 22.37 3.67 -17.61
N ALA B 7 21.41 2.80 -17.38
CA ALA B 7 20.26 3.13 -16.60
C ALA B 7 20.03 1.86 -15.84
N GLU B 8 19.84 1.97 -14.53
CA GLU B 8 19.62 0.79 -13.72
C GLU B 8 18.29 0.90 -13.00
N ASP B 9 17.53 -0.19 -12.97
CA ASP B 9 16.25 -0.22 -12.29
C ASP B 9 16.48 -0.56 -10.82
N PHE B 10 15.88 0.23 -9.93
CA PHE B 10 16.01 -0.04 -8.50
C PHE B 10 14.65 -0.51 -8.04
N GLU B 11 14.61 -1.63 -7.34
CA GLU B 11 13.34 -2.13 -6.86
C GLU B 11 13.41 -2.48 -5.38
N CYS B 12 12.71 -1.68 -4.56
CA CYS B 12 12.69 -1.94 -3.12
C CYS B 12 11.64 -3.02 -2.85
N SER B 13 12.09 -4.24 -2.60
CA SER B 13 11.19 -5.36 -2.38
C SER B 13 10.15 -5.23 -1.25
N SER B 14 10.49 -4.55 -0.15
CA SER B 14 9.52 -4.44 0.92
C SER B 14 8.62 -3.19 0.80
N HIS B 15 9.09 -2.18 0.08
CA HIS B 15 8.33 -0.95 -0.07
C HIS B 15 6.77 -1.01 -0.10
N CYS B 16 6.18 -1.89 -0.89
CA CYS B 16 4.72 -1.89 -0.97
C CYS B 16 4.01 -2.33 0.29
N SER B 17 4.56 -3.32 0.96
CA SER B 17 3.98 -3.79 2.21
C SER B 17 4.05 -2.64 3.18
N GLU B 18 5.23 -2.03 3.29
CA GLU B 18 5.44 -0.94 4.22
C GLU B 18 4.50 0.22 3.94
N LEU B 19 4.26 0.48 2.67
CA LEU B 19 3.37 1.57 2.30
C LEU B 19 1.97 1.32 2.79
N SER B 20 1.44 0.14 2.48
CA SER B 20 0.09 -0.14 2.87
C SER B 20 -0.07 -0.30 4.40
N TRP B 21 0.99 -0.70 5.09
CA TRP B 21 0.87 -0.83 6.52
C TRP B 21 0.85 0.53 7.20
N ARG B 22 1.63 1.47 6.68
CA ARG B 22 1.66 2.80 7.26
C ARG B 22 0.34 3.48 6.99
N GLN B 23 -0.20 3.30 5.79
CA GLN B 23 -1.50 3.92 5.54
C GLN B 23 -2.52 3.35 6.58
N ASN B 24 -2.36 2.08 6.95
CA ASN B 24 -3.26 1.45 7.92
C ASN B 24 -3.04 2.11 9.31
N GLU B 25 -1.78 2.29 9.72
CA GLU B 25 -1.49 2.96 11.00
C GLU B 25 -2.08 4.37 10.97
N GLN B 26 -2.06 5.00 9.80
CA GLN B 26 -2.65 6.33 9.63
C GLN B 26 -4.17 6.28 9.87
N ARG B 27 -4.78 5.23 9.34
CA ARG B 27 -6.22 5.03 9.45
C ARG B 27 -6.58 4.92 10.95
N ARG B 28 -5.78 4.17 11.67
CA ARG B 28 -6.03 3.95 13.08
C ARG B 28 -5.97 5.23 13.90
N GLN B 29 -5.33 6.28 13.38
CA GLN B 29 -5.25 7.56 14.09
C GLN B 29 -6.09 8.61 13.38
N GLY B 30 -6.81 8.23 12.32
CA GLY B 30 -7.60 9.20 11.60
C GLY B 30 -6.81 10.15 10.68
N LEU B 31 -5.50 9.93 10.55
CA LEU B 31 -4.67 10.82 9.72
C LEU B 31 -4.94 10.78 8.20
N PHE B 32 -5.27 11.94 7.63
CA PHE B 32 -5.56 12.07 6.20
C PHE B 32 -6.81 11.31 5.72
N CYS B 33 -7.68 10.88 6.64
CA CYS B 33 -8.89 10.16 6.22
C CYS B 33 -9.92 11.12 5.64
N ASP B 34 -10.66 10.66 4.64
CA ASP B 34 -11.62 11.50 3.97
C ASP B 34 -12.92 10.81 3.73
N ILE B 35 -13.21 9.83 4.57
CA ILE B 35 -14.46 9.14 4.43
C ILE B 35 -14.68 8.41 5.73
N THR B 36 -15.93 8.43 6.20
CA THR B 36 -16.29 7.76 7.45
C THR B 36 -17.46 6.80 7.24
N LEU B 37 -17.19 5.50 7.40
CA LEU B 37 -18.24 4.50 7.23
C LEU B 37 -19.05 4.39 8.53
N CYS B 38 -20.31 4.79 8.45
CA CYS B 38 -21.21 4.78 9.62
C CYS B 38 -22.20 3.61 9.54
N PHE B 39 -22.17 2.75 10.56
CA PHE B 39 -23.05 1.59 10.58
C PHE B 39 -24.39 1.71 11.32
N GLY B 40 -24.37 2.05 12.61
CA GLY B 40 -25.63 2.15 13.34
C GLY B 40 -25.88 3.47 14.07
N GLY B 44 -24.45 5.33 16.25
CA GLY B 44 -23.71 4.10 16.11
C GLY B 44 -22.20 4.27 16.01
N ARG B 45 -21.49 3.20 15.62
CA ARG B 45 -20.02 3.23 15.49
C ARG B 45 -19.56 3.78 14.13
N GLU B 46 -18.54 4.65 14.15
CA GLU B 46 -17.99 5.23 12.93
C GLU B 46 -16.58 4.72 12.63
N PHE B 47 -16.28 4.52 11.35
CA PHE B 47 -14.95 4.04 10.91
C PHE B 47 -14.33 4.95 9.85
N ARG B 48 -13.19 5.56 10.18
CA ARG B 48 -12.51 6.42 9.23
C ARG B 48 -11.62 5.61 8.32
N ALA B 49 -11.46 6.09 7.08
CA ALA B 49 -10.63 5.41 6.11
C ALA B 49 -10.27 6.34 4.96
N HIS B 50 -9.40 5.87 4.07
CA HIS B 50 -9.00 6.70 2.94
C HIS B 50 -9.66 6.20 1.67
N ARG B 51 -10.30 7.11 0.95
CA ARG B 51 -11.00 6.77 -0.30
C ARG B 51 -10.08 6.08 -1.30
N SER B 52 -8.89 6.61 -1.46
CA SER B 52 -7.93 6.04 -2.40
C SER B 52 -7.72 4.57 -2.14
N VAL B 53 -7.63 4.19 -0.86
CA VAL B 53 -7.40 2.79 -0.52
C VAL B 53 -8.65 1.96 -0.74
N LEU B 54 -9.79 2.48 -0.29
CA LEU B 54 -11.04 1.73 -0.46
C LEU B 54 -11.29 1.44 -1.92
N ALA B 55 -11.23 2.46 -2.76
CA ALA B 55 -11.45 2.27 -4.21
C ALA B 55 -10.43 1.32 -4.84
N ALA B 56 -9.20 1.31 -4.32
CA ALA B 56 -8.18 0.42 -4.87
C ALA B 56 -8.47 -1.03 -4.51
N ALA B 57 -9.01 -1.25 -3.32
CA ALA B 57 -9.31 -2.60 -2.87
C ALA B 57 -10.49 -3.20 -3.62
N THR B 58 -11.51 -2.39 -3.90
CA THR B 58 -12.69 -2.90 -4.58
C THR B 58 -13.44 -1.87 -5.42
N GLU B 59 -13.94 -2.34 -6.56
CA GLU B 59 -14.70 -1.49 -7.47
C GLU B 59 -15.99 -1.04 -6.81
N TYR B 60 -16.32 -1.66 -5.67
CA TYR B 60 -17.54 -1.30 -4.94
C TYR B 60 -17.56 0.17 -4.55
N PHE B 61 -16.36 0.69 -4.24
CA PHE B 61 -16.23 2.08 -3.82
C PHE B 61 -15.87 3.09 -4.92
N THR B 62 -15.50 2.61 -6.09
CA THR B 62 -15.18 3.52 -7.18
C THR B 62 -16.39 4.43 -7.45
N PRO B 63 -17.61 3.86 -7.46
CA PRO B 63 -18.86 4.60 -7.70
C PRO B 63 -19.17 5.71 -6.70
N LEU B 64 -18.21 6.01 -5.81
CA LEU B 64 -18.45 7.07 -4.84
C LEU B 64 -17.81 8.37 -5.29
N LEU B 65 -17.22 8.36 -6.49
CA LEU B 65 -16.61 9.56 -7.05
C LEU B 65 -17.76 10.40 -7.57
N SER B 66 -18.52 9.82 -8.49
CA SER B 66 -19.66 10.46 -9.10
C SER B 66 -20.58 11.11 -8.05
N GLY B 67 -20.63 10.51 -6.86
CA GLY B 67 -21.47 11.03 -5.80
C GLY B 67 -22.67 10.14 -5.58
N GLN B 68 -22.47 8.84 -5.78
CA GLN B 68 -23.55 7.88 -5.62
C GLN B 68 -23.79 7.47 -4.18
N PHE B 69 -23.09 8.12 -3.25
CA PHE B 69 -23.27 7.82 -1.83
C PHE B 69 -23.81 9.06 -1.11
N SER B 70 -24.61 8.82 -0.06
CA SER B 70 -25.17 9.93 0.71
C SER B 70 -24.10 10.46 1.65
N GLU B 71 -23.26 11.34 1.12
CA GLU B 71 -22.18 11.92 1.89
C GLU B 71 -22.47 13.27 2.50
N SER B 72 -22.26 13.38 3.81
CA SER B 72 -22.37 14.65 4.50
C SER B 72 -21.14 15.45 3.96
N ARG B 73 -21.11 16.75 4.23
CA ARG B 73 -20.04 17.61 3.73
C ARG B 73 -18.65 17.27 4.25
N SER B 74 -18.63 16.40 5.26
CA SER B 74 -17.35 15.94 5.79
C SER B 74 -17.22 14.45 5.46
N GLY B 75 -17.81 14.06 4.34
CA GLY B 75 -17.69 12.70 3.90
C GLY B 75 -18.07 11.57 4.79
N ARG B 76 -19.37 11.46 5.03
CA ARG B 76 -19.88 10.34 5.80
C ARG B 76 -20.76 9.51 4.86
N VAL B 77 -20.55 8.19 4.85
CA VAL B 77 -21.39 7.29 4.07
C VAL B 77 -22.07 6.35 5.09
N GLU B 78 -23.37 6.15 4.92
CA GLU B 78 -24.13 5.30 5.82
C GLU B 78 -24.37 3.96 5.14
N MSE B 79 -24.17 2.91 5.93
CA MSE B 79 -24.31 1.54 5.48
C MSE B 79 -25.72 0.99 5.63
O MSE B 79 -26.32 1.06 6.70
CB MSE B 79 -23.32 0.68 6.26
CG MSE B 79 -21.93 1.27 6.27
SE MSE B 79 -20.90 0.76 4.76
CE MSE B 79 -21.79 1.69 3.30
N ARG B 80 -26.24 0.45 4.52
CA ARG B 80 -27.58 -0.13 4.51
C ARG B 80 -27.67 -1.17 5.62
N LYS B 81 -28.86 -1.32 6.19
CA LYS B 81 -29.09 -2.28 7.26
C LYS B 81 -28.59 -3.65 6.79
N TRP B 82 -28.26 -4.52 7.74
CA TRP B 82 -27.75 -5.85 7.42
C TRP B 82 -28.72 -6.96 7.79
N SER B 83 -28.19 -8.17 7.94
CA SER B 83 -29.01 -9.30 8.33
C SER B 83 -29.47 -9.08 9.77
N SER B 84 -28.52 -8.92 10.69
CA SER B 84 -28.85 -8.67 12.10
C SER B 84 -29.04 -7.16 12.26
N GLU B 85 -30.14 -6.77 12.91
CA GLU B 85 -30.44 -5.35 13.11
C GLU B 85 -29.25 -4.54 13.65
N PRO B 86 -28.67 -4.97 14.79
CA PRO B 86 -27.52 -4.26 15.38
C PRO B 86 -26.35 -4.07 14.40
N GLY B 87 -26.29 -4.94 13.41
CA GLY B 87 -25.23 -4.85 12.41
C GLY B 87 -24.04 -5.67 12.85
N PRO B 88 -23.04 -5.84 11.97
CA PRO B 88 -21.86 -6.63 12.33
C PRO B 88 -21.19 -6.12 13.61
N GLU B 89 -20.36 -6.98 14.19
CA GLU B 89 -19.62 -6.64 15.40
C GLU B 89 -18.46 -5.67 15.07
N PRO B 90 -18.33 -4.58 15.85
CA PRO B 90 -17.29 -3.57 15.66
C PRO B 90 -15.90 -4.12 15.37
N ASP B 91 -15.48 -5.12 16.15
CA ASP B 91 -14.17 -5.70 15.94
C ASP B 91 -14.08 -6.43 14.61
N THR B 92 -15.21 -6.88 14.10
CA THR B 92 -15.23 -7.59 12.84
C THR B 92 -15.19 -6.63 11.64
N VAL B 93 -15.86 -5.49 11.78
CA VAL B 93 -15.83 -4.50 10.72
C VAL B 93 -14.36 -4.01 10.64
N GLU B 94 -13.81 -3.61 11.77
CA GLU B 94 -12.43 -3.16 11.81
C GLU B 94 -11.51 -4.18 11.13
N ALA B 95 -11.74 -5.46 11.35
CA ALA B 95 -10.89 -6.48 10.75
C ALA B 95 -11.03 -6.55 9.22
N VAL B 96 -12.23 -6.32 8.72
CA VAL B 96 -12.44 -6.35 7.27
C VAL B 96 -11.91 -5.07 6.65
N ILE B 97 -12.05 -3.95 7.37
CA ILE B 97 -11.52 -2.74 6.82
C ILE B 97 -10.00 -2.88 6.77
N GLU B 98 -9.39 -3.37 7.86
CA GLU B 98 -7.95 -3.50 7.89
C GLU B 98 -7.50 -4.45 6.79
N TYR B 99 -8.34 -5.44 6.49
CA TYR B 99 -8.03 -6.39 5.42
C TYR B 99 -7.91 -5.63 4.08
N MSE B 100 -8.77 -4.63 3.89
CA MSE B 100 -8.72 -3.88 2.64
C MSE B 100 -7.37 -3.14 2.52
O MSE B 100 -6.86 -2.94 1.40
CB MSE B 100 -9.92 -2.93 2.50
CG MSE B 100 -11.24 -3.64 2.11
SE MSE B 100 -12.72 -2.52 1.74
CE MSE B 100 -13.33 -2.01 3.62
N TYR B 101 -6.79 -2.75 3.66
CA TYR B 101 -5.52 -2.05 3.68
C TYR B 101 -4.33 -2.99 3.58
N THR B 102 -4.46 -4.18 4.13
CA THR B 102 -3.31 -5.09 4.19
C THR B 102 -3.40 -6.47 3.60
N GLY B 103 -4.60 -6.88 3.18
CA GLY B 103 -4.73 -8.22 2.64
C GLY B 103 -4.54 -9.31 3.69
N ARG B 104 -4.56 -8.99 4.98
CA ARG B 104 -4.39 -10.01 6.03
C ARG B 104 -5.58 -9.97 6.98
N ILE B 105 -6.06 -11.14 7.37
CA ILE B 105 -7.20 -11.17 8.29
C ILE B 105 -7.30 -12.50 9.01
N ARG B 106 -7.74 -12.46 10.27
CA ARG B 106 -7.93 -13.68 11.03
C ARG B 106 -9.42 -14.00 11.11
N VAL B 107 -9.84 -15.12 10.53
CA VAL B 107 -11.24 -15.51 10.55
C VAL B 107 -11.48 -16.66 11.53
N SER B 108 -12.52 -16.53 12.33
CA SER B 108 -12.86 -17.55 13.32
C SER B 108 -14.30 -18.06 13.15
N THR B 109 -14.62 -19.17 13.82
CA THR B 109 -15.97 -19.72 13.75
C THR B 109 -16.98 -18.71 14.28
N GLY B 110 -16.54 -17.89 15.23
CA GLY B 110 -17.42 -16.90 15.81
C GLY B 110 -17.73 -15.70 14.93
N SER B 111 -16.81 -15.31 14.06
CA SER B 111 -17.03 -14.14 13.19
C SER B 111 -17.19 -14.43 11.71
N VAL B 112 -16.90 -15.67 11.30
CA VAL B 112 -16.97 -16.02 9.89
C VAL B 112 -18.22 -15.58 9.15
N HIS B 113 -19.37 -15.67 9.79
CA HIS B 113 -20.61 -15.28 9.12
C HIS B 113 -20.66 -13.78 8.84
N GLU B 114 -20.28 -12.96 9.81
CA GLU B 114 -20.30 -11.51 9.59
C GLU B 114 -19.24 -11.10 8.56
N VAL B 115 -18.07 -11.73 8.62
CA VAL B 115 -17.01 -11.44 7.66
C VAL B 115 -17.54 -11.77 6.26
N LEU B 116 -18.25 -12.88 6.15
CA LEU B 116 -18.81 -13.29 4.86
C LEU B 116 -19.78 -12.25 4.33
N GLU B 117 -20.65 -11.75 5.21
CA GLU B 117 -21.61 -10.75 4.79
C GLU B 117 -20.93 -9.46 4.35
N LEU B 118 -19.95 -9.00 5.13
CA LEU B 118 -19.23 -7.78 4.78
C LEU B 118 -18.45 -7.98 3.50
N ALA B 119 -17.85 -9.16 3.35
CA ALA B 119 -17.06 -9.44 2.16
C ALA B 119 -17.96 -9.43 0.93
N ASP B 120 -19.14 -10.02 1.08
CA ASP B 120 -20.07 -10.08 -0.03
C ASP B 120 -20.61 -8.70 -0.39
N ARG B 121 -20.92 -7.92 0.63
CA ARG B 121 -21.43 -6.57 0.43
C ARG B 121 -20.39 -5.67 -0.25
N PHE B 122 -19.10 -5.87 0.04
CA PHE B 122 -18.07 -5.03 -0.56
C PHE B 122 -17.40 -5.61 -1.80
N LEU B 123 -17.90 -6.74 -2.27
CA LEU B 123 -17.33 -7.35 -3.45
C LEU B 123 -15.88 -7.80 -3.27
N LEU B 124 -15.55 -8.21 -2.04
CA LEU B 124 -14.21 -8.71 -1.74
C LEU B 124 -14.18 -10.20 -2.09
N ILE B 125 -14.04 -10.47 -3.38
CA ILE B 125 -14.03 -11.82 -3.92
C ILE B 125 -13.08 -12.77 -3.20
N ARG B 126 -11.81 -12.40 -3.12
CA ARG B 126 -10.83 -13.26 -2.49
C ARG B 126 -11.19 -13.59 -1.04
N LEU B 127 -11.61 -12.58 -0.31
CA LEU B 127 -11.97 -12.79 1.09
C LEU B 127 -13.17 -13.73 1.14
N LYS B 128 -14.16 -13.46 0.28
CA LYS B 128 -15.35 -14.29 0.24
C LYS B 128 -14.97 -15.74 -0.08
N GLU B 129 -14.10 -15.93 -1.06
CA GLU B 129 -13.68 -17.28 -1.42
C GLU B 129 -13.00 -17.95 -0.24
N PHE B 130 -12.23 -17.17 0.52
CA PHE B 130 -11.56 -17.74 1.69
C PHE B 130 -12.58 -18.24 2.70
N CYS B 131 -13.57 -17.40 3.03
CA CYS B 131 -14.59 -17.79 4.00
C CYS B 131 -15.23 -19.09 3.52
N GLY B 132 -15.25 -19.27 2.21
CA GLY B 132 -15.82 -20.47 1.63
C GLY B 132 -15.03 -21.73 1.93
N GLU B 133 -13.71 -21.62 1.96
CA GLU B 133 -12.85 -22.76 2.25
C GLU B 133 -12.88 -23.01 3.75
N PHE B 134 -12.89 -21.94 4.51
CA PHE B 134 -12.95 -22.05 5.96
C PHE B 134 -14.16 -22.87 6.39
N LEU B 135 -15.33 -22.47 5.89
CA LEU B 135 -16.58 -23.16 6.21
C LEU B 135 -16.60 -24.59 5.67
N LYS B 136 -16.06 -24.76 4.47
CA LYS B 136 -15.99 -26.05 3.79
C LYS B 136 -15.25 -27.10 4.64
N LYS B 137 -14.23 -26.64 5.38
CA LYS B 137 -13.43 -27.50 6.22
C LYS B 137 -14.06 -27.74 7.59
N LYS B 138 -14.98 -26.87 7.97
CA LYS B 138 -15.68 -26.96 9.25
C LYS B 138 -17.04 -27.61 9.11
N LEU B 139 -17.43 -27.91 7.86
CA LEU B 139 -18.73 -28.52 7.58
C LEU B 139 -18.92 -29.75 8.46
N HIS B 140 -20.04 -29.79 9.16
CA HIS B 140 -20.33 -30.89 10.08
C HIS B 140 -21.84 -31.03 10.32
N LEU B 141 -22.32 -32.27 10.41
CA LEU B 141 -23.73 -32.56 10.64
C LEU B 141 -24.39 -31.59 11.66
N SER B 142 -23.61 -31.06 12.60
CA SER B 142 -24.17 -30.15 13.59
C SER B 142 -24.33 -28.70 13.15
N ASN B 143 -23.92 -28.40 11.93
CA ASN B 143 -24.04 -27.03 11.43
C ASN B 143 -24.30 -26.96 9.93
N CYS B 144 -24.48 -28.12 9.29
CA CYS B 144 -24.72 -28.17 7.85
C CYS B 144 -25.93 -27.33 7.44
N VAL B 145 -26.92 -27.25 8.31
CA VAL B 145 -28.09 -26.47 8.00
C VAL B 145 -27.73 -24.99 7.99
N ALA B 146 -27.25 -24.49 9.12
CA ALA B 146 -26.84 -23.10 9.25
C ALA B 146 -25.87 -22.70 8.14
N ILE B 147 -25.00 -23.63 7.75
CA ILE B 147 -24.01 -23.39 6.70
C ILE B 147 -24.61 -23.40 5.31
N HIS B 148 -25.51 -24.35 5.06
CA HIS B 148 -26.15 -24.41 3.75
C HIS B 148 -26.90 -23.10 3.55
N SER B 149 -27.51 -22.62 4.62
CA SER B 149 -28.28 -21.39 4.60
C SER B 149 -27.41 -20.22 4.07
N LEU B 150 -26.20 -20.11 4.61
CA LEU B 150 -25.24 -19.08 4.22
C LEU B 150 -24.71 -19.28 2.81
N ALA B 151 -24.27 -20.49 2.51
CA ALA B 151 -23.73 -20.79 1.19
C ALA B 151 -24.74 -20.38 0.12
N HIS B 152 -26.03 -20.49 0.47
CA HIS B 152 -27.10 -20.13 -0.44
C HIS B 152 -27.29 -18.61 -0.47
N MSE B 153 -27.45 -18.02 0.71
CA MSE B 153 -27.65 -16.58 0.81
C MSE B 153 -26.55 -15.77 0.17
O MSE B 153 -26.77 -14.63 -0.23
CB MSE B 153 -27.77 -16.16 2.27
CG MSE B 153 -28.11 -14.69 2.47
SE MSE B 153 -28.20 -14.23 4.33
CE MSE B 153 -28.61 -15.94 5.12
N TYR B 154 -25.34 -16.35 0.08
CA TYR B 154 -24.20 -15.65 -0.51
C TYR B 154 -23.60 -16.34 -1.72
N THR B 155 -24.43 -17.15 -2.38
CA THR B 155 -23.98 -17.85 -3.56
C THR B 155 -22.58 -18.43 -3.45
N LEU B 156 -22.44 -19.54 -2.73
CA LEU B 156 -21.15 -20.22 -2.58
C LEU B 156 -21.33 -21.60 -3.18
N SER B 157 -21.55 -21.64 -4.50
CA SER B 157 -21.83 -22.90 -5.20
C SER B 157 -21.22 -24.12 -4.55
N GLN B 158 -19.90 -24.20 -4.59
CA GLN B 158 -19.20 -25.33 -4.01
C GLN B 158 -19.71 -25.70 -2.64
N LEU B 159 -19.58 -24.78 -1.70
CA LEU B 159 -20.02 -25.02 -0.33
C LEU B 159 -21.48 -25.48 -0.29
N ALA B 160 -22.32 -24.87 -1.11
CA ALA B 160 -23.74 -25.20 -1.15
C ALA B 160 -23.96 -26.69 -1.40
N LEU B 161 -23.39 -27.21 -2.47
CA LEU B 161 -23.53 -28.61 -2.81
C LEU B 161 -23.11 -29.50 -1.66
N LYS B 162 -21.90 -29.28 -1.14
CA LYS B 162 -21.38 -30.09 -0.06
C LYS B 162 -22.35 -30.13 1.12
N ALA B 163 -22.81 -28.96 1.54
CA ALA B 163 -23.74 -28.88 2.67
C ALA B 163 -25.08 -29.52 2.30
N ALA B 164 -25.45 -29.43 1.03
CA ALA B 164 -26.71 -30.01 0.58
C ALA B 164 -26.65 -31.54 0.65
N ASP B 165 -25.51 -32.12 0.25
CA ASP B 165 -25.37 -33.56 0.30
C ASP B 165 -25.44 -34.06 1.73
N MSE B 166 -24.74 -33.39 2.64
CA MSE B 166 -24.77 -33.81 4.03
C MSE B 166 -26.19 -33.70 4.58
O MSE B 166 -26.60 -34.49 5.44
CB MSE B 166 -23.82 -32.96 4.88
CG MSE B 166 -23.81 -33.36 6.36
SE MSE B 166 -22.36 -32.51 7.28
CE MSE B 166 -21.01 -33.10 6.02
N ILE B 167 -26.95 -32.75 4.09
CA ILE B 167 -28.31 -32.59 4.58
C ILE B 167 -29.22 -33.70 4.02
N ARG B 168 -29.03 -34.07 2.76
CA ARG B 168 -29.81 -35.14 2.16
C ARG B 168 -29.61 -36.45 2.89
N ARG B 169 -28.35 -36.89 2.95
CA ARG B 169 -28.00 -38.15 3.61
C ARG B 169 -28.48 -38.22 5.06
N ASN B 170 -28.57 -37.08 5.72
CA ASN B 170 -28.98 -37.04 7.12
C ASN B 170 -30.32 -36.33 7.33
N PHE B 171 -31.13 -36.26 6.29
CA PHE B 171 -32.42 -35.56 6.42
C PHE B 171 -33.23 -36.02 7.61
N HIS B 172 -33.33 -37.33 7.79
CA HIS B 172 -34.10 -37.86 8.90
C HIS B 172 -33.58 -37.40 10.26
N LYS B 173 -32.36 -36.88 10.28
CA LYS B 173 -31.74 -36.39 11.52
C LYS B 173 -31.96 -34.90 11.78
N VAL B 174 -31.64 -34.08 10.77
CA VAL B 174 -31.79 -32.64 10.90
C VAL B 174 -33.20 -32.22 11.29
N ILE B 175 -34.14 -33.15 11.18
CA ILE B 175 -35.54 -32.91 11.50
C ILE B 175 -35.86 -32.95 13.00
N GLN B 176 -35.02 -33.61 13.79
CA GLN B 176 -35.27 -33.68 15.24
C GLN B 176 -34.60 -32.52 15.96
N ASP B 177 -33.60 -31.91 15.30
CA ASP B 177 -32.88 -30.78 15.87
C ASP B 177 -33.67 -29.52 15.53
N GLU B 178 -33.61 -28.52 16.40
CA GLU B 178 -34.37 -27.30 16.16
C GLU B 178 -33.75 -26.30 15.18
N GLU B 179 -32.53 -26.53 14.74
CA GLU B 179 -31.91 -25.60 13.80
C GLU B 179 -32.75 -25.53 12.53
N PHE B 180 -33.02 -26.70 11.94
CA PHE B 180 -33.81 -26.80 10.72
C PHE B 180 -35.09 -25.96 10.70
N TYR B 181 -35.77 -25.89 11.83
CA TYR B 181 -37.02 -25.16 11.90
C TYR B 181 -36.93 -23.64 12.02
N THR B 182 -35.75 -23.08 11.81
CA THR B 182 -35.58 -21.63 11.87
C THR B 182 -35.35 -21.12 10.46
N LEU B 183 -35.28 -22.04 9.51
CA LEU B 183 -35.06 -21.68 8.11
C LEU B 183 -36.20 -20.85 7.54
N PRO B 184 -35.95 -20.13 6.44
CA PRO B 184 -36.98 -19.30 5.81
C PRO B 184 -37.81 -20.17 4.87
N PHE B 185 -39.02 -19.73 4.58
CA PHE B 185 -39.94 -20.46 3.70
C PHE B 185 -39.34 -20.95 2.38
N HIS B 186 -38.68 -20.08 1.64
CA HIS B 186 -38.15 -20.49 0.33
C HIS B 186 -37.20 -21.68 0.39
N LEU B 187 -36.54 -21.87 1.53
CA LEU B 187 -35.63 -23.00 1.64
C LEU B 187 -36.44 -24.24 2.01
N ILE B 188 -37.34 -24.10 2.98
CA ILE B 188 -38.21 -25.21 3.39
C ILE B 188 -38.91 -25.73 2.14
N ARG B 189 -39.34 -24.81 1.29
CA ARG B 189 -40.02 -25.17 0.05
C ARG B 189 -39.07 -25.94 -0.86
N ASP B 190 -37.88 -25.40 -1.11
CA ASP B 190 -36.92 -26.08 -1.98
C ASP B 190 -36.66 -27.50 -1.52
N TRP B 191 -36.58 -27.68 -0.21
CA TRP B 191 -36.31 -29.00 0.39
C TRP B 191 -37.42 -30.02 0.19
N LEU B 192 -38.68 -29.59 0.33
CA LEU B 192 -39.81 -30.50 0.14
C LEU B 192 -39.89 -30.84 -1.34
N SER B 193 -39.28 -30.01 -2.16
CA SER B 193 -39.29 -30.23 -3.60
C SER B 193 -38.15 -31.16 -4.00
N ASP B 194 -37.24 -31.41 -3.06
CA ASP B 194 -36.07 -32.26 -3.31
C ASP B 194 -36.44 -33.73 -3.34
N LEU B 195 -36.17 -34.36 -4.48
CA LEU B 195 -36.45 -35.76 -4.70
C LEU B 195 -35.45 -36.68 -4.01
N GLU B 196 -34.21 -36.20 -3.90
CA GLU B 196 -33.10 -36.96 -3.30
C GLU B 196 -33.07 -37.14 -1.79
N ILE B 197 -33.69 -36.22 -1.05
CA ILE B 197 -33.67 -36.31 0.40
C ILE B 197 -33.93 -37.74 0.84
N THR B 198 -33.22 -38.19 1.88
CA THR B 198 -33.42 -39.55 2.35
C THR B 198 -34.24 -39.57 3.63
N VAL B 199 -35.46 -40.04 3.52
CA VAL B 199 -36.36 -40.16 4.67
C VAL B 199 -37.02 -41.54 4.66
N ASP B 200 -37.52 -41.96 5.81
CA ASP B 200 -38.18 -43.25 5.91
C ASP B 200 -39.57 -43.24 5.28
N SER B 201 -40.32 -42.16 5.50
CA SER B 201 -41.67 -42.07 4.95
C SER B 201 -42.05 -40.64 4.59
N GLU B 202 -42.98 -40.50 3.65
CA GLU B 202 -43.43 -39.19 3.28
C GLU B 202 -44.19 -38.66 4.47
N GLU B 203 -44.74 -39.54 5.29
CA GLU B 203 -45.51 -39.13 6.46
C GLU B 203 -44.71 -38.15 7.32
N VAL B 204 -43.40 -38.36 7.40
CA VAL B 204 -42.56 -37.49 8.21
C VAL B 204 -42.63 -36.04 7.69
N LEU B 205 -42.45 -35.88 6.37
CA LEU B 205 -42.50 -34.57 5.74
C LEU B 205 -43.75 -33.77 6.16
N PHE B 206 -44.87 -34.44 6.36
CA PHE B 206 -46.10 -33.76 6.79
C PHE B 206 -45.95 -33.30 8.25
N GLU B 207 -45.35 -34.13 9.08
CA GLU B 207 -45.15 -33.77 10.49
C GLU B 207 -44.17 -32.62 10.57
N THR B 208 -43.24 -32.57 9.61
CA THR B 208 -42.24 -31.52 9.55
C THR B 208 -42.88 -30.18 9.21
N VAL B 209 -43.71 -30.16 8.17
CA VAL B 209 -44.38 -28.92 7.79
C VAL B 209 -45.21 -28.38 8.96
N LEU B 210 -45.93 -29.24 9.66
CA LEU B 210 -46.73 -28.78 10.80
C LEU B 210 -45.86 -28.06 11.81
N LYS B 211 -44.71 -28.66 12.14
CA LYS B 211 -43.78 -28.08 13.10
C LYS B 211 -43.22 -26.75 12.61
N TRP B 212 -42.87 -26.67 11.33
CA TRP B 212 -42.33 -25.42 10.79
C TRP B 212 -43.34 -24.29 10.97
N VAL B 213 -44.60 -24.59 10.68
CA VAL B 213 -45.65 -23.60 10.81
C VAL B 213 -45.94 -23.29 12.27
N GLN B 214 -46.07 -24.33 13.09
CA GLN B 214 -46.37 -24.15 14.52
C GLN B 214 -45.26 -23.41 15.28
N ARG B 215 -44.11 -23.26 14.64
CA ARG B 215 -42.99 -22.57 15.26
C ARG B 215 -43.32 -21.08 15.40
N ASN B 216 -44.04 -20.55 14.41
CA ASN B 216 -44.46 -19.15 14.38
C ASN B 216 -45.77 -19.04 13.62
N ALA B 217 -46.85 -19.42 14.28
CA ALA B 217 -48.18 -19.39 13.69
C ALA B 217 -48.42 -18.14 12.85
N GLU B 218 -48.15 -17.00 13.47
CA GLU B 218 -48.36 -15.70 12.85
C GLU B 218 -47.95 -15.58 11.38
N GLU B 219 -46.65 -15.49 11.12
CA GLU B 219 -46.17 -15.31 9.75
C GLU B 219 -46.02 -16.58 8.93
N ARG B 220 -46.34 -17.74 9.52
CA ARG B 220 -46.18 -18.98 8.78
C ARG B 220 -47.44 -19.65 8.26
N GLU B 221 -48.52 -19.62 9.05
CA GLU B 221 -49.77 -20.24 8.64
C GLU B 221 -50.21 -19.89 7.23
N ARG B 222 -49.68 -18.79 6.71
CA ARG B 222 -50.01 -18.33 5.36
C ARG B 222 -49.25 -19.06 4.26
N TYR B 223 -48.33 -19.94 4.64
CA TYR B 223 -47.54 -20.68 3.67
C TYR B 223 -47.96 -22.14 3.58
N PHE B 224 -48.66 -22.59 4.62
CA PHE B 224 -49.12 -23.96 4.72
C PHE B 224 -49.60 -24.56 3.42
N GLU B 225 -50.59 -23.93 2.79
CA GLU B 225 -51.14 -24.45 1.55
C GLU B 225 -50.13 -24.70 0.43
N GLU B 226 -49.22 -23.77 0.21
CA GLU B 226 -48.25 -23.98 -0.85
C GLU B 226 -47.30 -25.13 -0.48
N LEU B 227 -47.06 -25.29 0.82
CA LEU B 227 -46.18 -26.35 1.31
C LEU B 227 -46.90 -27.68 1.19
N PHE B 228 -48.15 -27.68 1.64
CA PHE B 228 -48.99 -28.86 1.61
C PHE B 228 -49.06 -29.45 0.20
N LYS B 229 -49.18 -28.59 -0.81
CA LYS B 229 -49.25 -29.05 -2.19
C LYS B 229 -47.99 -29.74 -2.65
N LEU B 230 -46.92 -29.60 -1.90
CA LEU B 230 -45.66 -30.22 -2.28
C LEU B 230 -45.53 -31.67 -1.81
N LEU B 231 -46.31 -32.02 -0.80
CA LEU B 231 -46.30 -33.37 -0.27
C LEU B 231 -46.90 -34.36 -1.27
N ARG B 232 -46.41 -35.60 -1.24
CA ARG B 232 -46.95 -36.60 -2.13
C ARG B 232 -47.85 -37.49 -1.29
N LEU B 233 -49.12 -37.09 -1.20
CA LEU B 233 -50.12 -37.80 -0.41
C LEU B 233 -50.34 -39.21 -0.93
N SER B 234 -50.21 -39.39 -2.24
CA SER B 234 -50.42 -40.69 -2.86
C SER B 234 -49.38 -41.70 -2.34
N GLN B 235 -48.42 -41.19 -1.59
CA GLN B 235 -47.36 -42.02 -1.02
C GLN B 235 -47.52 -42.27 0.46
N MSE B 236 -48.60 -41.77 1.04
CA MSE B 236 -48.84 -41.98 2.46
C MSE B 236 -49.94 -43.02 2.69
O MSE B 236 -50.86 -43.18 1.87
CB MSE B 236 -49.22 -40.66 3.14
CG MSE B 236 -48.07 -39.66 3.09
SE MSE B 236 -48.52 -37.86 3.58
CE MSE B 236 -48.72 -38.05 5.48
N LYS B 237 -49.84 -43.75 3.80
CA LYS B 237 -50.82 -44.77 4.13
C LYS B 237 -52.20 -44.17 4.33
N PRO B 238 -53.23 -44.75 3.70
CA PRO B 238 -54.61 -44.28 3.82
C PRO B 238 -54.99 -44.09 5.28
N THR B 239 -54.43 -44.93 6.13
CA THR B 239 -54.70 -44.84 7.57
C THR B 239 -54.30 -43.47 8.07
N TYR B 240 -53.04 -43.12 7.82
CA TYR B 240 -52.50 -41.84 8.26
C TYR B 240 -53.25 -40.68 7.60
N LEU B 241 -53.51 -40.80 6.31
CA LEU B 241 -54.22 -39.77 5.58
C LEU B 241 -55.55 -39.38 6.24
N THR B 242 -56.36 -40.37 6.58
CA THR B 242 -57.66 -40.09 7.20
C THR B 242 -57.65 -39.94 8.71
N ARG B 243 -56.66 -40.54 9.36
CA ARG B 243 -56.59 -40.47 10.82
C ARG B 243 -55.78 -39.31 11.38
N HIS B 244 -54.79 -38.84 10.62
CA HIS B 244 -53.95 -37.74 11.11
C HIS B 244 -53.89 -36.54 10.20
N VAL B 245 -53.80 -36.76 8.89
CA VAL B 245 -53.74 -35.67 7.93
C VAL B 245 -55.03 -34.85 7.90
N LYS B 246 -56.11 -35.49 7.45
CA LYS B 246 -57.42 -34.82 7.30
C LYS B 246 -57.98 -34.17 8.56
N PRO B 247 -57.80 -34.80 9.73
CA PRO B 247 -58.31 -34.25 11.00
C PRO B 247 -57.59 -33.00 11.47
N GLU B 248 -56.37 -32.78 10.98
CA GLU B 248 -55.57 -31.61 11.36
C GLU B 248 -56.21 -30.27 10.95
N ARG B 249 -56.28 -29.35 11.91
CA ARG B 249 -56.87 -28.04 11.67
C ARG B 249 -56.47 -27.35 10.37
N LEU B 250 -55.17 -27.14 10.17
CA LEU B 250 -54.72 -26.48 8.96
C LEU B 250 -55.24 -27.12 7.67
N VAL B 251 -55.50 -28.43 7.71
CA VAL B 251 -56.00 -29.13 6.53
C VAL B 251 -57.50 -28.95 6.37
N ALA B 252 -58.23 -29.12 7.46
CA ALA B 252 -59.68 -29.01 7.49
C ALA B 252 -60.23 -27.62 7.12
N ASN B 253 -59.59 -26.57 7.64
CA ASN B 253 -60.02 -25.21 7.37
C ASN B 253 -59.79 -24.78 5.92
N ASN B 254 -58.89 -25.47 5.23
CA ASN B 254 -58.61 -25.14 3.84
C ASN B 254 -59.24 -26.17 2.92
N GLU B 255 -60.22 -25.74 2.13
CA GLU B 255 -60.92 -26.62 1.21
C GLU B 255 -60.01 -27.19 0.12
N VAL B 256 -59.06 -26.39 -0.37
CA VAL B 256 -58.16 -26.88 -1.40
C VAL B 256 -57.36 -28.06 -0.86
N CYS B 257 -57.12 -28.05 0.45
CA CYS B 257 -56.36 -29.10 1.11
C CYS B 257 -57.19 -30.36 1.33
N VAL B 258 -58.37 -30.18 1.92
CA VAL B 258 -59.27 -31.30 2.18
C VAL B 258 -59.57 -31.98 0.84
N LYS B 259 -59.72 -31.18 -0.20
CA LYS B 259 -59.97 -31.71 -1.53
C LYS B 259 -58.82 -32.66 -1.87
N LEU B 260 -57.59 -32.12 -1.77
CA LEU B 260 -56.38 -32.89 -2.08
C LEU B 260 -56.28 -34.21 -1.30
N VAL B 261 -56.68 -34.19 -0.03
CA VAL B 261 -56.64 -35.41 0.77
C VAL B 261 -57.63 -36.41 0.18
N ALA B 262 -58.85 -35.96 -0.07
CA ALA B 262 -59.90 -36.79 -0.64
C ALA B 262 -59.47 -37.43 -1.96
N ASP B 263 -58.90 -36.63 -2.86
CA ASP B 263 -58.46 -37.16 -4.16
C ASP B 263 -57.38 -38.22 -3.95
N ALA B 264 -56.53 -38.01 -2.95
CA ALA B 264 -55.47 -38.95 -2.65
C ALA B 264 -56.10 -40.26 -2.17
N VAL B 265 -57.00 -40.16 -1.21
CA VAL B 265 -57.68 -41.34 -0.69
C VAL B 265 -58.36 -42.06 -1.83
N GLU B 266 -58.94 -41.30 -2.76
CA GLU B 266 -59.62 -41.90 -3.90
C GLU B 266 -58.62 -42.63 -4.78
N ARG B 267 -57.45 -42.05 -4.95
CA ARG B 267 -56.41 -42.65 -5.78
C ARG B 267 -55.98 -43.99 -5.21
N HIS B 268 -55.86 -44.03 -3.88
CA HIS B 268 -55.46 -45.24 -3.18
C HIS B 268 -56.42 -46.38 -3.49
N ALA B 269 -57.71 -46.12 -3.38
CA ALA B 269 -58.72 -47.13 -3.64
C ALA B 269 -58.70 -47.56 -5.09
N LEU B 270 -58.43 -46.61 -5.98
CA LEU B 270 -58.37 -46.89 -7.41
C LEU B 270 -57.15 -47.74 -7.73
N ARG B 271 -56.05 -47.44 -7.04
CA ARG B 271 -54.81 -48.17 -7.23
C ARG B 271 -54.94 -49.50 -6.49
N ALA B 272 -56.05 -49.72 -5.79
CA ALA B 272 -56.30 -50.99 -5.05
C ALA B 272 -56.26 -52.05 -6.12
N GLU B 273 -55.88 -51.54 -7.31
CA GLU B 273 -55.65 -52.11 -8.65
C GLU B 273 -56.61 -51.61 -9.74
S SCN C . -7.26 9.55 -0.01
C SCN C . -5.74 10.22 0.68
N SCN C . -4.77 10.63 1.10
CL CL D . 38.83 17.02 0.79
CL CL E . -9.84 9.03 15.65
CL CL F . -18.07 -22.46 11.64
#